data_7PQ0
#
_entry.id   7PQ0
#
_cell.length_a   199.530
_cell.length_b   199.530
_cell.length_c   51.340
_cell.angle_alpha   90.000
_cell.angle_beta   90.000
_cell.angle_gamma   120.000
#
_symmetry.space_group_name_H-M   'P 63'
#
loop_
_entity.id
_entity.type
_entity.pdbx_description
1 polymer 'Burkholderia Lethal Factor 1 (BLF1)'
2 polymer 'Eukaryotic initiation factor 4A-I'
#
loop_
_entity_poly.entity_id
_entity_poly.type
_entity_poly.pdbx_seq_one_letter_code
_entity_poly.pdbx_strand_id
1 'polypeptide(L)'
;MPNSLEAQIRQAMKTGSTLTIEFDQALNQKSPGTLNVFLHPANGGVRIDLDSGNQGEPAKILWLPWKQGELQTLQPGSIS
TVDMLFFTYYLSGSKVFAGDGGPVWHIDAPVEANQFWRRMSSDEWMEDWEVGTDRQVAYLHRAGQSDSLWNLSAYLEGAA
PSTYGRDNLGQAVVGGIVTGRQQMSLYQYATTSSGSSAWSPLTYTLQQRKQ
;
A
2 'polypeptide(L)'
;MHHHHHHEGVIESNWNEIVDSFDDMNLSESLLRGIYAYGFEKPSAIQQRAILPCIKGYDVIAQAQSGTGKTATFAISILQ
QIELDLKATQALVLAPTRELAQQIQKVVMALGDYMGASCHACIGGTNVRAEVQKLQMEAPHIIVGTPGRVFDMLNRRYLS
PKYIKMFVLDEADEMLSRGFKDQIYDIFQKLNSNTQVVLLSATMPSDVLEVTKKFMRDPIRILVKKEELTLEGIRQFYIN
VEREEWKLDTLCDLYETLTITQAVIFINTRRKVDWLTEKMHARDFTVSAMHGDMDQKERDVIMREFRSGSSRVLITTDLL
ARGIDVQQVSLVINYDLPTNRENYIHRIGRGGRFGRKGVAINMVTEEDKRTLRDIETFYNTSIEEMPLNVADLI
;
B
#
# COMPACT_ATOMS: atom_id res chain seq x y z
N PRO A 2 -10.48 2.74 35.30
CA PRO A 2 -11.78 3.39 35.43
C PRO A 2 -12.64 3.18 34.18
N ASN A 3 -12.28 3.87 33.10
CA ASN A 3 -12.89 3.79 31.80
C ASN A 3 -12.00 2.90 30.91
N SER A 4 -12.62 2.02 30.11
CA SER A 4 -11.85 1.26 29.15
C SER A 4 -11.02 2.29 28.37
N LEU A 5 -9.77 1.93 28.02
CA LEU A 5 -8.89 2.83 27.29
C LEU A 5 -9.60 3.35 26.03
N GLU A 6 -10.36 2.49 25.37
CA GLU A 6 -11.15 2.85 24.18
C GLU A 6 -11.89 4.17 24.43
N ALA A 7 -12.47 4.31 25.64
CA ALA A 7 -13.27 5.47 26.04
C ALA A 7 -12.37 6.67 26.42
N GLN A 8 -11.29 6.41 27.18
CA GLN A 8 -10.38 7.49 27.60
C GLN A 8 -9.87 8.27 26.39
N ILE A 9 -9.55 7.54 25.31
CA ILE A 9 -9.07 8.10 24.04
C ILE A 9 -10.14 9.02 23.44
N ARG A 10 -11.38 8.52 23.31
CA ARG A 10 -12.52 9.32 22.80
C ARG A 10 -12.63 10.60 23.62
N GLN A 11 -12.36 10.49 24.93
CA GLN A 11 -12.43 11.64 25.84
C GLN A 11 -11.41 12.70 25.43
N ALA A 12 -10.17 12.28 25.20
CA ALA A 12 -9.13 13.18 24.80
C ALA A 12 -9.51 13.88 23.48
N MET A 13 -9.98 13.11 22.50
CA MET A 13 -10.29 13.65 21.16
C MET A 13 -11.38 14.73 21.24
N LYS A 14 -12.47 14.42 21.96
CA LYS A 14 -13.65 15.29 22.14
C LYS A 14 -13.30 16.63 22.84
N THR A 15 -12.74 16.54 24.05
CA THR A 15 -12.45 17.70 24.87
C THR A 15 -11.29 18.51 24.30
N GLY A 16 -10.23 17.84 23.86
CA GLY A 16 -9.04 18.49 23.34
C GLY A 16 -7.91 18.47 24.35
N SER A 17 -7.75 17.31 25.00
CA SER A 17 -6.68 17.08 25.95
C SER A 17 -5.48 16.46 25.20
N THR A 18 -4.47 16.03 25.95
CA THR A 18 -3.33 15.38 25.38
C THR A 18 -3.28 13.93 25.84
N LEU A 19 -3.03 13.04 24.88
CA LEU A 19 -2.94 11.62 25.10
C LEU A 19 -2.28 11.03 23.86
N THR A 20 -0.96 10.83 23.95
CA THR A 20 -0.15 10.32 22.86
C THR A 20 -0.53 8.87 22.54
N ILE A 21 -0.35 8.49 21.28
CA ILE A 21 -0.65 7.16 20.78
C ILE A 21 0.66 6.55 20.31
N GLU A 22 0.81 5.25 20.57
CA GLU A 22 2.00 4.50 20.18
C GLU A 22 1.55 3.31 19.33
N PHE A 23 2.06 3.21 18.10
CA PHE A 23 1.72 2.14 17.20
C PHE A 23 2.92 1.24 16.95
N ASP A 24 2.62 -0.06 16.91
CA ASP A 24 3.59 -1.06 16.58
C ASP A 24 3.69 -1.08 15.06
N GLN A 25 4.91 -1.09 14.53
CA GLN A 25 5.11 -1.04 13.09
C GLN A 25 4.34 -2.18 12.39
N ALA A 26 4.14 -3.31 13.09
CA ALA A 26 3.47 -4.52 12.51
C ALA A 26 2.04 -4.23 12.00
N LEU A 27 1.35 -3.22 12.55
CA LEU A 27 0.00 -2.83 12.10
C LEU A 27 -0.01 -2.51 10.59
N ASN A 28 1.13 -2.03 10.06
CA ASN A 28 1.27 -1.66 8.63
C ASN A 28 1.18 -2.91 7.74
N GLN A 29 1.21 -4.11 8.32
CA GLN A 29 1.08 -5.35 7.51
C GLN A 29 -0.41 -5.62 7.22
N LYS A 30 -1.30 -4.94 7.99
CA LYS A 30 -2.76 -5.11 7.93
C LYS A 30 -3.42 -4.09 6.98
N SER A 31 -4.09 -4.61 5.95
CA SER A 31 -4.80 -3.82 4.94
C SER A 31 -5.76 -2.87 5.61
N PRO A 32 -6.11 -1.73 5.00
CA PRO A 32 -7.17 -0.87 5.53
C PRO A 32 -8.45 -1.68 5.74
N GLY A 33 -9.23 -1.26 6.74
CA GLY A 33 -10.48 -1.92 7.11
C GLY A 33 -10.67 -1.96 8.63
N THR A 34 -11.67 -2.73 9.07
CA THR A 34 -11.92 -2.87 10.50
C THR A 34 -10.95 -3.93 11.01
N LEU A 35 -10.28 -3.64 12.12
CA LEU A 35 -9.27 -4.55 12.63
C LEU A 35 -9.41 -4.69 14.16
N ASN A 36 -9.23 -5.93 14.64
CA ASN A 36 -9.20 -6.21 16.07
C ASN A 36 -7.78 -5.96 16.57
N VAL A 37 -7.64 -5.00 17.48
CA VAL A 37 -6.36 -4.59 18.06
C VAL A 37 -6.47 -4.66 19.58
N PHE A 38 -5.32 -4.59 20.28
CA PHE A 38 -5.26 -4.60 21.75
C PHE A 38 -4.55 -3.34 22.26
N LEU A 39 -5.27 -2.52 23.03
CA LEU A 39 -4.76 -1.28 23.61
C LEU A 39 -4.00 -1.60 24.90
N HIS A 40 -2.91 -0.88 25.17
CA HIS A 40 -2.13 -1.02 26.41
C HIS A 40 -1.81 0.37 26.96
N PRO A 41 -1.81 0.59 28.30
CA PRO A 41 -1.38 1.87 28.85
C PRO A 41 0.13 1.99 28.60
N ALA A 42 0.55 3.08 27.94
CA ALA A 42 1.96 3.38 27.67
C ALA A 42 2.41 4.50 28.62
N ASN A 43 3.36 5.32 28.20
CA ASN A 43 3.87 6.36 29.06
C ASN A 43 3.08 7.65 28.82
N GLY A 44 1.91 7.77 29.46
CA GLY A 44 1.05 8.94 29.34
C GLY A 44 0.25 8.96 28.05
N GLY A 45 -0.09 7.77 27.56
CA GLY A 45 -0.85 7.61 26.34
C GLY A 45 -1.34 6.19 26.17
N VAL A 46 -1.45 5.72 24.91
CA VAL A 46 -1.92 4.37 24.58
C VAL A 46 -1.03 3.75 23.49
N ARG A 47 -0.77 2.45 23.63
CA ARG A 47 -0.03 1.65 22.69
C ARG A 47 -1.01 0.70 21.99
N ILE A 48 -0.88 0.56 20.67
CA ILE A 48 -1.77 -0.29 19.87
C ILE A 48 -0.92 -1.34 19.15
N ASP A 49 -1.20 -2.61 19.44
CA ASP A 49 -0.48 -3.72 18.85
C ASP A 49 -1.44 -4.91 18.79
N LEU A 50 -0.91 -6.09 18.50
CA LEU A 50 -1.73 -7.28 18.37
C LEU A 50 -1.33 -8.31 19.42
N ASP A 51 -0.84 -7.81 20.57
CA ASP A 51 -0.41 -8.62 21.72
C ASP A 51 -1.47 -8.48 22.83
N SER A 52 -2.00 -9.61 23.31
CA SER A 52 -3.06 -9.65 24.33
C SER A 52 -2.47 -9.45 25.73
N GLY A 53 -1.24 -9.92 25.95
CA GLY A 53 -0.56 -9.74 27.24
C GLY A 53 -0.28 -8.27 27.52
N ASN A 54 0.30 -7.95 28.68
CA ASN A 54 0.71 -6.58 29.06
C ASN A 54 -0.54 -5.73 29.33
N GLN A 55 -1.41 -6.18 30.23
CA GLN A 55 -2.63 -5.48 30.65
C GLN A 55 -3.42 -4.98 29.43
N GLY A 56 -3.62 -5.88 28.47
CA GLY A 56 -4.23 -5.54 27.20
C GLY A 56 -5.75 -5.56 27.21
N GLU A 57 -6.34 -4.55 26.55
CA GLU A 57 -7.78 -4.39 26.43
C GLU A 57 -8.22 -4.58 24.98
N PRO A 58 -9.02 -5.64 24.66
CA PRO A 58 -9.56 -5.84 23.32
C PRO A 58 -10.38 -4.67 22.76
N ALA A 59 -10.20 -4.35 21.47
CA ALA A 59 -10.95 -3.28 20.79
C ALA A 59 -11.05 -3.56 19.29
N LYS A 60 -12.05 -2.96 18.63
CA LYS A 60 -12.29 -3.10 17.18
C LYS A 60 -12.36 -1.70 16.56
N ILE A 61 -11.32 -1.35 15.80
CA ILE A 61 -11.14 -0.03 15.23
C ILE A 61 -11.25 -0.08 13.70
N LEU A 62 -11.32 1.13 13.14
CA LEU A 62 -11.09 1.37 11.74
C LEU A 62 -9.60 1.74 11.59
N TRP A 63 -8.90 0.99 10.74
CA TRP A 63 -7.46 1.09 10.60
C TRP A 63 -7.06 1.42 9.16
N LEU A 64 -6.12 2.35 9.03
CA LEU A 64 -5.57 2.77 7.73
C LEU A 64 -4.05 2.82 7.83
N PRO A 65 -3.32 1.83 7.28
CA PRO A 65 -1.85 1.78 7.42
C PRO A 65 -1.14 2.74 6.46
N TRP A 66 0.18 2.74 6.49
CA TRP A 66 1.00 3.52 5.57
C TRP A 66 1.75 2.51 4.72
N LYS A 67 2.05 2.84 3.48
CA LYS A 67 2.76 1.90 2.60
C LYS A 67 3.65 2.68 1.63
N GLN A 68 4.95 2.44 1.75
CA GLN A 68 5.97 3.10 0.96
C GLN A 68 5.66 3.00 -0.54
N GLY A 69 5.61 4.17 -1.20
CA GLY A 69 5.41 4.33 -2.64
C GLY A 69 3.96 4.10 -3.10
N GLU A 70 2.99 4.33 -2.22
CA GLU A 70 1.62 4.04 -2.56
C GLU A 70 0.67 4.80 -1.65
N LEU A 71 -0.59 4.74 -2.08
CA LEU A 71 -1.74 5.23 -1.32
C LEU A 71 -2.40 3.99 -0.72
N GLN A 72 -3.02 4.19 0.45
CA GLN A 72 -3.85 3.18 1.11
C GLN A 72 -5.21 3.84 1.31
N THR A 73 -6.28 3.11 1.03
CA THR A 73 -7.59 3.68 1.14
C THR A 73 -8.50 2.86 2.05
N LEU A 74 -9.16 3.57 2.96
CA LEU A 74 -10.27 3.08 3.79
C LEU A 74 -11.57 3.41 3.04
N GLN A 75 -12.44 2.41 2.84
CA GLN A 75 -13.67 2.59 2.06
C GLN A 75 -14.82 3.06 2.93
N PRO A 76 -15.68 3.98 2.43
CA PRO A 76 -16.77 4.56 3.23
C PRO A 76 -17.74 3.49 3.80
N GLY A 77 -17.98 2.43 3.03
CA GLY A 77 -18.83 1.34 3.45
C GLY A 77 -18.30 0.57 4.65
N SER A 78 -17.18 1.01 5.23
CA SER A 78 -16.62 0.35 6.37
C SER A 78 -16.91 1.22 7.59
N ILE A 79 -17.50 2.37 7.33
CA ILE A 79 -17.73 3.35 8.34
C ILE A 79 -19.22 3.32 8.75
N SER A 80 -19.55 2.60 9.84
CA SER A 80 -20.97 2.57 10.31
C SER A 80 -21.11 2.48 11.86
N THR A 81 -20.53 1.46 12.49
CA THR A 81 -20.59 1.31 13.95
C THR A 81 -20.22 2.62 14.66
N VAL A 82 -21.14 3.14 15.48
CA VAL A 82 -20.98 4.45 16.13
C VAL A 82 -20.01 4.37 17.33
N ASP A 83 -19.24 5.46 17.50
CA ASP A 83 -18.22 5.64 18.54
C ASP A 83 -17.04 4.66 18.34
N MET A 84 -16.92 4.06 17.14
CA MET A 84 -15.78 3.21 16.80
C MET A 84 -14.60 4.15 16.57
N LEU A 85 -13.41 3.74 16.99
CA LEU A 85 -12.24 4.60 16.80
C LEU A 85 -11.58 4.31 15.45
N PHE A 86 -11.04 5.38 14.85
CA PHE A 86 -10.30 5.35 13.59
C PHE A 86 -8.87 5.85 13.82
N PHE A 87 -7.89 5.09 13.30
CA PHE A 87 -6.47 5.44 13.42
C PHE A 87 -5.73 5.12 12.11
N THR A 88 -4.70 5.92 11.86
CA THR A 88 -3.79 5.72 10.72
C THR A 88 -2.37 5.75 11.29
N TYR A 89 -1.42 5.12 10.60
CA TYR A 89 -0.04 5.13 11.09
C TYR A 89 0.47 6.56 11.20
N TYR A 90 1.56 6.75 11.96
CA TYR A 90 2.12 8.08 12.20
C TYR A 90 2.35 8.74 10.84
N LEU A 91 2.20 10.06 10.82
CA LEU A 91 2.43 10.91 9.66
C LEU A 91 3.75 11.65 9.86
N SER A 92 4.69 11.43 8.96
CA SER A 92 6.02 12.01 9.06
C SER A 92 6.50 12.36 7.64
N GLY A 93 5.68 13.19 6.97
CA GLY A 93 5.88 13.52 5.56
C GLY A 93 4.58 13.20 4.82
N SER A 94 3.97 12.09 5.21
CA SER A 94 2.66 11.59 4.74
C SER A 94 1.62 12.70 4.64
N LYS A 95 0.69 12.56 3.69
CA LYS A 95 -0.52 13.37 3.59
C LYS A 95 -1.71 12.45 3.88
N VAL A 96 -2.82 13.04 4.33
CA VAL A 96 -4.06 12.33 4.56
C VAL A 96 -5.15 13.21 3.97
N PHE A 97 -6.01 12.57 3.16
CA PHE A 97 -7.09 13.25 2.48
C PHE A 97 -8.35 12.49 2.83
N ALA A 98 -9.39 13.24 3.24
CA ALA A 98 -10.65 12.60 3.63
C ALA A 98 -11.82 13.28 2.92
N GLY A 99 -12.76 12.46 2.47
CA GLY A 99 -14.01 12.90 1.90
C GLY A 99 -15.13 12.61 2.90
N ASP A 100 -16.03 13.59 3.01
CA ASP A 100 -17.23 13.53 3.80
C ASP A 100 -18.14 12.44 3.22
N GLY A 101 -18.18 11.31 3.91
CA GLY A 101 -18.92 10.13 3.51
C GLY A 101 -18.26 9.50 2.30
N GLY A 102 -16.96 9.77 2.19
CA GLY A 102 -16.12 9.27 1.13
C GLY A 102 -15.03 8.36 1.69
N PRO A 103 -14.00 8.01 0.90
CA PRO A 103 -12.88 7.23 1.42
C PRO A 103 -11.89 8.15 2.15
N VAL A 104 -10.94 7.53 2.84
CA VAL A 104 -9.88 8.27 3.51
C VAL A 104 -8.52 7.71 3.03
N TRP A 105 -7.75 8.52 2.31
CA TRP A 105 -6.48 8.09 1.72
C TRP A 105 -5.27 8.50 2.56
N HIS A 106 -4.32 7.59 2.67
CA HIS A 106 -3.03 7.88 3.27
C HIS A 106 -1.99 7.85 2.14
N ILE A 107 -1.31 8.97 1.89
CA ILE A 107 -0.36 9.01 0.77
C ILE A 107 1.10 9.05 1.27
N ASP A 108 1.97 8.19 0.71
CA ASP A 108 3.41 8.21 1.06
C ASP A 108 3.95 9.60 0.72
N ALA A 109 4.87 10.06 1.57
CA ALA A 109 5.40 11.43 1.55
C ALA A 109 5.86 11.84 0.15
N PRO A 110 6.74 11.09 -0.51
CA PRO A 110 7.25 11.51 -1.81
C PRO A 110 6.31 11.32 -3.01
N VAL A 111 5.02 11.11 -2.84
CA VAL A 111 4.23 10.94 -4.02
C VAL A 111 3.66 12.30 -4.48
N GLU A 112 4.16 12.74 -5.65
CA GLU A 112 3.75 13.96 -6.36
C GLU A 112 2.22 13.99 -6.39
N ALA A 113 1.66 15.16 -6.05
CA ALA A 113 0.22 15.39 -5.99
C ALA A 113 -0.44 14.95 -7.28
N ASN A 114 0.11 15.33 -8.42
CA ASN A 114 -0.47 14.97 -9.70
C ASN A 114 -0.68 13.45 -9.77
N GLN A 115 0.37 12.71 -9.36
CA GLN A 115 0.35 11.27 -9.40
C GLN A 115 -0.64 10.66 -8.38
N PHE A 116 -0.84 11.26 -7.20
CA PHE A 116 -1.78 10.61 -6.29
C PHE A 116 -3.19 11.05 -6.66
N TRP A 117 -3.38 12.32 -6.98
CA TRP A 117 -4.68 12.69 -7.48
C TRP A 117 -5.10 11.72 -8.59
N ARG A 118 -4.17 11.35 -9.51
CA ARG A 118 -4.47 10.54 -10.68
C ARG A 118 -5.03 9.22 -10.17
N ARG A 119 -4.33 8.57 -9.23
CA ARG A 119 -4.74 7.29 -8.60
C ARG A 119 -6.08 7.40 -7.86
N MET A 120 -6.27 8.48 -7.09
CA MET A 120 -7.50 8.66 -6.32
C MET A 120 -8.74 8.61 -7.22
N SER A 121 -8.64 9.26 -8.38
CA SER A 121 -9.78 9.50 -9.26
C SER A 121 -10.29 8.22 -9.94
N SER A 122 -9.65 7.07 -9.73
CA SER A 122 -10.21 5.86 -10.32
C SER A 122 -11.24 5.24 -9.35
N ASP A 123 -11.35 5.84 -8.15
CA ASP A 123 -12.25 5.41 -7.09
C ASP A 123 -13.66 5.94 -7.36
N GLU A 124 -14.64 5.02 -7.18
CA GLU A 124 -16.07 5.21 -7.42
C GLU A 124 -16.54 6.54 -6.83
N TRP A 125 -16.15 6.84 -5.59
CA TRP A 125 -16.62 8.06 -4.95
C TRP A 125 -16.16 9.30 -5.73
N MET A 126 -14.95 9.24 -6.29
CA MET A 126 -14.37 10.33 -7.06
C MET A 126 -15.04 10.42 -8.43
N GLU A 127 -15.29 9.26 -9.04
CA GLU A 127 -15.94 9.25 -10.33
C GLU A 127 -17.35 9.79 -10.18
N ASP A 128 -17.86 9.82 -8.94
CA ASP A 128 -19.18 10.37 -8.53
C ASP A 128 -19.06 11.82 -8.05
N TRP A 129 -18.01 12.52 -8.47
CA TRP A 129 -17.71 13.87 -8.05
C TRP A 129 -17.39 14.68 -9.31
N GLU A 130 -18.42 15.39 -9.76
CA GLU A 130 -18.53 16.01 -11.06
C GLU A 130 -17.77 17.32 -11.15
N VAL A 131 -17.14 17.49 -12.32
CA VAL A 131 -16.51 18.73 -12.69
C VAL A 131 -17.58 19.82 -12.54
N GLY A 132 -17.30 20.82 -11.69
CA GLY A 132 -18.16 21.99 -11.52
C GLY A 132 -18.90 22.00 -10.19
N THR A 133 -19.04 20.81 -9.58
CA THR A 133 -19.75 20.62 -8.31
C THR A 133 -18.71 20.44 -7.20
N ASP A 134 -19.15 20.14 -5.98
CA ASP A 134 -18.17 20.06 -4.91
C ASP A 134 -18.58 19.07 -3.83
N ARG A 135 -17.65 18.89 -2.88
CA ARG A 135 -17.77 17.99 -1.74
C ARG A 135 -16.97 18.58 -0.57
N GLN A 136 -17.19 18.01 0.63
CA GLN A 136 -16.47 18.42 1.84
C GLN A 136 -15.18 17.62 1.83
N VAL A 137 -14.07 18.20 2.28
CA VAL A 137 -12.79 17.50 2.21
C VAL A 137 -11.86 17.96 3.34
N ALA A 138 -11.42 16.99 4.15
CA ALA A 138 -10.37 17.19 5.12
C ALA A 138 -9.06 16.83 4.43
N TYR A 139 -8.00 17.60 4.65
CA TYR A 139 -6.76 17.39 3.99
C TYR A 139 -5.62 18.00 4.81
N LEU A 140 -4.71 17.14 5.26
CA LEU A 140 -3.60 17.50 6.12
C LEU A 140 -2.31 17.21 5.34
N HIS A 141 -1.26 18.04 5.50
CA HIS A 141 0.02 17.83 4.87
C HIS A 141 1.09 18.52 5.72
N ARG A 142 2.27 17.93 5.81
CA ARG A 142 3.33 18.57 6.61
C ARG A 142 3.65 19.96 6.02
N ALA A 143 3.84 20.91 6.94
CA ALA A 143 4.12 22.36 6.67
C ALA A 143 5.51 22.56 6.09
N GLY A 144 5.57 23.26 4.95
CA GLY A 144 6.82 23.62 4.25
C GLY A 144 7.50 22.46 3.53
N GLN A 145 6.71 21.73 2.72
CA GLN A 145 7.12 20.57 1.95
C GLN A 145 6.91 20.91 0.47
N SER A 146 7.87 20.57 -0.38
CA SER A 146 7.80 20.85 -1.80
C SER A 146 6.34 20.82 -2.30
N ASP A 147 5.79 21.94 -2.77
CA ASP A 147 4.37 22.04 -3.18
C ASP A 147 3.89 20.87 -4.05
N SER A 148 4.73 20.46 -5.01
CA SER A 148 4.45 19.38 -5.95
C SER A 148 4.05 18.06 -5.27
N LEU A 149 4.45 17.91 -3.99
CA LEU A 149 4.10 16.78 -3.15
C LEU A 149 2.70 16.91 -2.51
N TRP A 150 2.06 18.10 -2.46
CA TRP A 150 0.77 18.18 -1.73
C TRP A 150 -0.24 19.17 -2.32
N ASN A 151 0.22 20.21 -3.02
CA ASN A 151 -0.65 21.30 -3.49
C ASN A 151 -1.62 20.84 -4.59
N LEU A 152 -2.93 20.87 -4.27
CA LEU A 152 -4.03 20.39 -5.14
C LEU A 152 -4.87 21.54 -5.72
N SER A 153 -4.32 22.76 -5.78
CA SER A 153 -4.97 23.99 -6.32
C SER A 153 -5.45 23.80 -7.76
N ALA A 154 -4.69 23.01 -8.51
CA ALA A 154 -4.94 22.67 -9.90
C ALA A 154 -6.25 21.88 -10.07
N TYR A 155 -6.66 21.15 -9.02
CA TYR A 155 -7.78 20.24 -9.10
C TYR A 155 -8.96 20.71 -8.22
N LEU A 156 -8.65 21.39 -7.10
CA LEU A 156 -9.65 21.78 -6.11
C LEU A 156 -9.63 23.29 -5.88
N GLU A 157 -10.84 23.88 -5.77
CA GLU A 157 -11.01 25.30 -5.47
C GLU A 157 -11.77 25.44 -4.15
N GLY A 158 -11.07 25.91 -3.10
CA GLY A 158 -11.63 25.99 -1.77
C GLY A 158 -10.59 26.43 -0.75
N ALA A 159 -10.92 26.30 0.52
CA ALA A 159 -10.06 26.72 1.62
C ALA A 159 -8.74 25.96 1.54
N ALA A 160 -7.67 26.59 2.02
CA ALA A 160 -6.36 25.97 1.94
C ALA A 160 -6.34 24.73 2.80
N PRO A 161 -5.41 23.80 2.58
CA PRO A 161 -5.34 22.60 3.39
C PRO A 161 -4.92 22.92 4.83
N SER A 162 -5.17 21.97 5.72
CA SER A 162 -4.78 21.98 7.10
C SER A 162 -3.30 21.59 7.11
N THR A 163 -2.53 21.83 8.18
CA THR A 163 -1.13 21.39 8.18
C THR A 163 -0.69 20.92 9.58
N TYR A 164 0.45 20.20 9.58
CA TYR A 164 1.18 19.73 10.77
C TYR A 164 2.66 20.08 10.59
N GLY A 165 3.39 20.28 11.70
CA GLY A 165 4.85 20.53 11.75
C GLY A 165 5.25 21.92 11.26
N ARG A 166 6.54 22.10 10.97
CA ARG A 166 7.09 23.37 10.50
C ARG A 166 8.44 23.11 9.82
N ASP A 167 8.64 23.70 8.63
CA ASP A 167 9.89 23.60 7.85
C ASP A 167 10.18 22.17 7.37
N ASN A 168 9.11 21.41 7.12
CA ASN A 168 9.15 19.98 6.71
C ASN A 168 9.82 19.13 7.81
N LEU A 169 9.44 19.40 9.06
CA LEU A 169 9.91 18.74 10.28
C LEU A 169 8.69 18.58 11.20
N GLY A 170 8.53 17.40 11.80
CA GLY A 170 7.42 17.10 12.67
C GLY A 170 6.65 15.85 12.28
N GLN A 171 5.98 15.27 13.28
CA GLN A 171 5.13 14.11 13.17
C GLN A 171 3.71 14.50 13.54
N ALA A 172 2.73 13.85 12.93
CA ALA A 172 1.32 14.05 13.28
C ALA A 172 0.65 12.69 13.42
N VAL A 173 -0.39 12.62 14.26
CA VAL A 173 -1.25 11.42 14.39
C VAL A 173 -2.66 11.85 14.02
N VAL A 174 -3.40 10.98 13.33
CA VAL A 174 -4.73 11.28 12.93
C VAL A 174 -5.60 10.13 13.40
N GLY A 175 -6.63 10.49 14.15
CA GLY A 175 -7.61 9.57 14.67
C GLY A 175 -8.98 9.99 14.20
N GLY A 176 -10.00 9.26 14.66
CA GLY A 176 -11.38 9.58 14.30
C GLY A 176 -12.38 8.86 15.18
N ILE A 177 -13.62 9.32 15.12
CA ILE A 177 -14.73 8.70 15.80
C ILE A 177 -15.92 8.71 14.83
N VAL A 178 -16.53 7.54 14.64
CA VAL A 178 -17.66 7.36 13.73
C VAL A 178 -18.91 7.98 14.40
N THR A 179 -19.67 8.74 13.60
CA THR A 179 -20.87 9.43 14.04
C THR A 179 -22.06 9.07 13.14
N GLY A 180 -22.04 7.88 12.54
CA GLY A 180 -23.14 7.40 11.70
C GLY A 180 -22.65 6.63 10.49
N ARG A 181 -23.53 6.47 9.50
CA ARG A 181 -23.18 5.86 8.24
C ARG A 181 -22.45 6.90 7.41
N GLN A 182 -21.26 6.54 6.89
CA GLN A 182 -20.44 7.39 6.08
C GLN A 182 -20.26 8.75 6.78
N GLN A 183 -19.86 8.73 8.05
CA GLN A 183 -19.62 9.97 8.78
C GLN A 183 -18.76 9.67 10.00
N MET A 184 -17.73 10.50 10.19
CA MET A 184 -16.86 10.38 11.33
C MET A 184 -16.15 11.71 11.56
N SER A 185 -15.87 11.99 12.82
CA SER A 185 -15.28 13.23 13.22
C SER A 185 -13.79 12.97 13.42
N LEU A 186 -12.96 13.52 12.51
CA LEU A 186 -11.50 13.29 12.51
C LEU A 186 -10.81 14.32 13.40
N TYR A 187 -9.84 13.83 14.18
CA TYR A 187 -9.05 14.66 15.07
C TYR A 187 -7.56 14.49 14.72
N GLN A 188 -6.66 15.18 15.43
CA GLN A 188 -5.25 15.13 15.14
C GLN A 188 -4.44 15.68 16.30
N TYR A 189 -3.13 15.41 16.30
CA TYR A 189 -2.23 16.00 17.26
C TYR A 189 -0.83 15.96 16.64
N ALA A 190 0.01 16.92 17.01
CA ALA A 190 1.35 17.03 16.46
C ALA A 190 2.39 16.65 17.51
N THR A 191 3.48 16.05 17.08
CA THR A 191 4.65 15.79 17.90
C THR A 191 5.82 16.46 17.19
N THR A 192 6.61 17.24 17.94
CA THR A 192 7.75 18.04 17.45
C THR A 192 8.81 18.11 18.56
N SER A 193 9.95 18.76 18.28
CA SER A 193 11.00 18.90 19.29
C SER A 193 10.39 19.53 20.56
N SER A 194 9.41 20.42 20.37
CA SER A 194 8.69 21.05 21.48
C SER A 194 8.15 19.99 22.44
N GLY A 195 7.54 18.94 21.89
CA GLY A 195 6.86 17.87 22.60
C GLY A 195 5.60 17.50 21.86
N SER A 196 4.65 16.83 22.52
CA SER A 196 3.41 16.38 21.88
C SER A 196 2.27 17.35 22.21
N SER A 197 1.64 17.90 21.16
CA SER A 197 0.54 18.85 21.31
C SER A 197 -0.75 18.12 21.68
N ALA A 198 -1.84 18.86 21.87
CA ALA A 198 -3.10 18.26 22.27
C ALA A 198 -3.89 17.87 21.02
N TRP A 199 -4.96 17.10 21.24
CA TRP A 199 -5.86 16.70 20.18
C TRP A 199 -6.61 17.95 19.70
N SER A 200 -7.19 17.92 18.51
CA SER A 200 -7.94 19.02 17.96
C SER A 200 -8.72 18.54 16.75
N PRO A 201 -9.84 19.18 16.39
CA PRO A 201 -10.55 18.81 15.16
C PRO A 201 -9.69 18.90 13.89
N LEU A 202 -10.00 18.00 12.95
CA LEU A 202 -9.48 18.07 11.61
C LEU A 202 -10.70 18.35 10.72
N THR A 203 -10.91 19.64 10.44
CA THR A 203 -12.08 20.12 9.75
C THR A 203 -12.16 19.63 8.31
N TYR A 204 -13.38 19.65 7.77
CA TYR A 204 -13.67 19.37 6.39
C TYR A 204 -14.23 20.64 5.75
N THR A 205 -13.44 21.35 4.95
CA THR A 205 -13.95 22.51 4.22
C THR A 205 -14.55 22.05 2.89
N LEU A 206 -15.20 22.99 2.21
CA LEU A 206 -15.92 22.78 0.97
C LEU A 206 -14.98 23.01 -0.21
N GLN A 207 -14.79 22.00 -1.07
CA GLN A 207 -13.89 22.14 -2.22
C GLN A 207 -14.65 21.85 -3.52
N GLN A 208 -14.49 22.73 -4.51
CA GLN A 208 -15.08 22.59 -5.84
C GLN A 208 -14.05 21.94 -6.79
N ARG A 209 -14.53 21.16 -7.76
CA ARG A 209 -13.62 20.41 -8.62
C ARG A 209 -13.51 21.03 -10.02
N LYS A 210 -12.27 21.42 -10.37
CA LYS A 210 -11.91 22.08 -11.60
C LYS A 210 -11.77 21.11 -12.80
N GLN A 211 -11.22 19.92 -12.58
CA GLN A 211 -11.01 19.00 -13.69
C GLN A 211 -10.95 17.57 -13.19
N GLU B 8 12.95 -8.84 -15.21
CA GLU B 8 11.81 -9.82 -15.04
C GLU B 8 12.28 -10.96 -14.15
N GLY B 9 11.59 -11.27 -13.05
CA GLY B 9 12.04 -12.38 -12.17
C GLY B 9 12.02 -13.73 -12.88
N VAL B 10 12.01 -14.82 -12.09
CA VAL B 10 11.93 -16.19 -12.66
C VAL B 10 10.71 -16.94 -12.11
N ILE B 11 10.01 -17.64 -13.02
CA ILE B 11 8.79 -18.38 -12.72
C ILE B 11 9.13 -19.55 -11.79
N GLU B 12 8.29 -19.78 -10.80
CA GLU B 12 8.49 -20.78 -9.75
C GLU B 12 7.11 -21.29 -9.27
N SER B 13 6.72 -22.45 -9.80
CA SER B 13 5.45 -23.14 -9.58
C SER B 13 5.64 -24.28 -8.58
N ASN B 14 4.56 -24.99 -8.28
CA ASN B 14 4.57 -26.22 -7.49
C ASN B 14 3.69 -27.20 -8.28
N TRP B 15 3.58 -26.90 -9.56
CA TRP B 15 2.78 -27.55 -10.53
C TRP B 15 3.64 -27.60 -11.77
N ASN B 16 4.18 -28.78 -12.07
CA ASN B 16 5.19 -28.93 -13.10
C ASN B 16 4.53 -29.10 -14.48
N GLU B 17 3.22 -29.41 -14.55
CA GLU B 17 2.55 -29.64 -15.84
C GLU B 17 2.54 -28.32 -16.63
N ILE B 18 2.83 -28.42 -17.92
CA ILE B 18 2.91 -27.28 -18.81
C ILE B 18 2.27 -27.66 -20.13
N VAL B 19 1.47 -26.75 -20.69
CA VAL B 19 0.76 -27.02 -21.92
C VAL B 19 1.04 -25.88 -22.87
N ASP B 20 1.70 -26.10 -24.02
CA ASP B 20 2.09 -24.96 -24.87
C ASP B 20 1.25 -24.89 -26.15
N SER B 21 -0.02 -25.26 -26.05
CA SER B 21 -0.97 -25.08 -27.14
C SER B 21 -2.39 -25.03 -26.55
N PHE B 22 -3.27 -24.22 -27.15
CA PHE B 22 -4.66 -24.17 -26.71
C PHE B 22 -5.38 -25.44 -27.16
N ASP B 23 -4.81 -26.20 -28.11
CA ASP B 23 -5.45 -27.43 -28.62
C ASP B 23 -5.19 -28.62 -27.68
N ASP B 24 -4.21 -28.53 -26.79
CA ASP B 24 -3.91 -29.63 -25.89
C ASP B 24 -4.52 -29.36 -24.52
N MET B 25 -5.54 -28.49 -24.44
CA MET B 25 -6.13 -28.08 -23.17
C MET B 25 -7.54 -28.64 -23.01
N ASN B 26 -8.06 -29.37 -24.00
CA ASN B 26 -9.42 -29.92 -23.91
C ASN B 26 -10.43 -28.81 -23.65
N LEU B 27 -10.46 -27.86 -24.58
CA LEU B 27 -11.43 -26.80 -24.53
C LEU B 27 -12.51 -27.16 -25.56
N SER B 28 -13.75 -26.76 -25.27
CA SER B 28 -14.82 -26.94 -26.20
C SER B 28 -14.44 -26.22 -27.50
N GLU B 29 -14.99 -26.69 -28.62
CA GLU B 29 -14.72 -26.14 -29.94
C GLU B 29 -15.09 -24.67 -30.02
N SER B 30 -16.30 -24.33 -29.54
CA SER B 30 -16.80 -22.97 -29.57
C SER B 30 -15.87 -22.03 -28.79
N LEU B 31 -15.26 -22.53 -27.71
CA LEU B 31 -14.35 -21.69 -26.95
C LEU B 31 -13.04 -21.51 -27.73
N LEU B 32 -12.56 -22.58 -28.39
CA LEU B 32 -11.37 -22.42 -29.22
C LEU B 32 -11.62 -21.38 -30.31
N ARG B 33 -12.81 -21.40 -30.94
CA ARG B 33 -13.15 -20.45 -32.01
C ARG B 33 -12.97 -19.03 -31.48
N GLY B 34 -13.57 -18.75 -30.31
CA GLY B 34 -13.49 -17.44 -29.64
C GLY B 34 -12.05 -17.00 -29.36
N ILE B 35 -11.20 -17.96 -28.94
CA ILE B 35 -9.77 -17.73 -28.58
C ILE B 35 -8.94 -17.35 -29.80
N TYR B 36 -9.15 -18.05 -30.93
CA TYR B 36 -8.40 -17.81 -32.16
C TYR B 36 -8.94 -16.58 -32.87
N ALA B 37 -10.27 -16.39 -32.83
CA ALA B 37 -10.96 -15.22 -33.40
C ALA B 37 -10.53 -13.95 -32.66
N TYR B 38 -10.12 -14.06 -31.40
CA TYR B 38 -9.71 -12.89 -30.61
C TYR B 38 -8.23 -12.57 -30.87
N GLY B 39 -7.51 -13.52 -31.51
CA GLY B 39 -6.11 -13.30 -31.95
C GLY B 39 -5.05 -14.11 -31.22
N PHE B 40 -5.43 -14.83 -30.16
CA PHE B 40 -4.50 -15.68 -29.48
C PHE B 40 -4.09 -16.82 -30.41
N GLU B 41 -2.81 -17.21 -30.35
CA GLU B 41 -2.27 -18.33 -31.16
C GLU B 41 -1.55 -19.35 -30.25
N LYS B 42 -0.69 -18.86 -29.36
CA LYS B 42 0.06 -19.68 -28.43
C LYS B 42 0.01 -19.04 -27.05
N PRO B 43 -0.26 -19.81 -25.99
CA PRO B 43 -0.33 -19.27 -24.64
C PRO B 43 0.97 -18.70 -24.05
N SER B 44 0.79 -17.77 -23.12
CA SER B 44 1.90 -17.13 -22.45
C SER B 44 2.46 -18.08 -21.38
N ALA B 45 3.55 -17.66 -20.73
CA ALA B 45 4.18 -18.46 -19.67
C ALA B 45 3.18 -18.81 -18.55
N ILE B 46 2.32 -17.85 -18.22
CA ILE B 46 1.38 -17.97 -17.14
C ILE B 46 0.19 -18.85 -17.57
N GLN B 47 -0.23 -18.77 -18.83
CA GLN B 47 -1.32 -19.60 -19.31
C GLN B 47 -0.87 -21.07 -19.35
N GLN B 48 0.32 -21.35 -19.90
CA GLN B 48 0.82 -22.73 -20.03
C GLN B 48 0.80 -23.46 -18.67
N ARG B 49 0.84 -22.69 -17.59
CA ARG B 49 0.84 -23.25 -16.24
C ARG B 49 -0.50 -23.14 -15.52
N ALA B 50 -1.30 -22.10 -15.74
CA ALA B 50 -2.46 -21.86 -14.88
C ALA B 50 -3.79 -22.36 -15.45
N ILE B 51 -3.99 -22.33 -16.77
CA ILE B 51 -5.33 -22.57 -17.30
C ILE B 51 -5.79 -23.98 -16.93
N LEU B 52 -4.89 -24.95 -17.03
CA LEU B 52 -5.29 -26.33 -16.82
C LEU B 52 -5.75 -26.55 -15.38
N PRO B 53 -4.89 -26.33 -14.36
CA PRO B 53 -5.34 -26.46 -12.98
C PRO B 53 -6.62 -25.69 -12.64
N CYS B 54 -7.00 -24.67 -13.42
CA CYS B 54 -8.20 -24.00 -13.16
C CYS B 54 -9.34 -24.84 -13.73
N ILE B 55 -9.26 -25.26 -15.00
CA ILE B 55 -10.37 -25.98 -15.61
C ILE B 55 -10.64 -27.24 -14.77
N LYS B 56 -9.61 -27.90 -14.24
CA LYS B 56 -9.78 -29.10 -13.40
C LYS B 56 -10.43 -28.74 -12.06
N GLY B 57 -10.39 -27.47 -11.65
CA GLY B 57 -11.13 -26.97 -10.50
C GLY B 57 -10.30 -26.63 -9.28
N TYR B 58 -8.97 -26.75 -9.34
CA TYR B 58 -8.14 -26.50 -8.16
C TYR B 58 -7.99 -25.01 -7.88
N ASP B 59 -7.76 -24.71 -6.60
CA ASP B 59 -7.52 -23.36 -6.16
C ASP B 59 -6.15 -22.97 -6.71
N VAL B 60 -6.02 -21.77 -7.26
CA VAL B 60 -4.77 -21.27 -7.85
C VAL B 60 -4.42 -19.88 -7.35
N ILE B 61 -3.12 -19.64 -7.20
CA ILE B 61 -2.48 -18.37 -6.88
C ILE B 61 -1.52 -18.03 -8.03
N ALA B 62 -1.72 -16.92 -8.73
CA ALA B 62 -0.85 -16.59 -9.85
C ALA B 62 -0.35 -15.13 -9.74
N GLN B 63 0.98 -15.00 -9.66
CA GLN B 63 1.70 -13.76 -9.57
C GLN B 63 1.94 -13.30 -11.01
N ALA B 64 1.10 -12.37 -11.46
CA ALA B 64 1.05 -11.94 -12.86
C ALA B 64 0.82 -10.42 -12.99
N GLN B 65 1.64 -9.77 -13.83
CA GLN B 65 1.50 -8.32 -14.14
C GLN B 65 0.21 -8.13 -14.97
N SER B 66 -0.34 -6.91 -14.92
CA SER B 66 -1.60 -6.64 -15.57
C SER B 66 -1.45 -6.61 -17.09
N GLY B 67 -2.43 -7.15 -17.82
CA GLY B 67 -2.48 -7.19 -19.30
C GLY B 67 -3.65 -7.98 -19.86
N THR B 68 -3.71 -8.05 -21.20
CA THR B 68 -4.79 -8.78 -21.90
C THR B 68 -4.59 -10.31 -21.77
N GLY B 69 -3.34 -10.72 -21.55
CA GLY B 69 -3.00 -12.11 -21.41
C GLY B 69 -3.36 -12.66 -20.04
N LYS B 70 -3.21 -11.82 -19.01
CA LYS B 70 -3.51 -12.22 -17.64
C LYS B 70 -5.02 -12.40 -17.49
N THR B 71 -5.77 -11.41 -17.97
CA THR B 71 -7.23 -11.46 -17.95
C THR B 71 -7.72 -12.70 -18.70
N ALA B 72 -7.03 -13.06 -19.79
CA ALA B 72 -7.45 -14.21 -20.64
C ALA B 72 -7.21 -15.56 -19.93
N THR B 73 -6.40 -15.56 -18.86
CA THR B 73 -6.10 -16.74 -18.11
C THR B 73 -7.36 -17.18 -17.36
N PHE B 74 -7.89 -16.29 -16.51
CA PHE B 74 -9.10 -16.63 -15.80
C PHE B 74 -10.33 -16.54 -16.72
N ALA B 75 -10.32 -15.75 -17.79
CA ALA B 75 -11.50 -15.71 -18.67
C ALA B 75 -11.71 -17.06 -19.37
N ILE B 76 -10.64 -17.60 -19.93
CA ILE B 76 -10.73 -18.89 -20.61
C ILE B 76 -11.14 -19.97 -19.59
N SER B 77 -10.51 -19.97 -18.40
CA SER B 77 -10.80 -20.96 -17.38
C SER B 77 -12.29 -20.95 -17.00
N ILE B 78 -12.82 -19.74 -16.76
CA ILE B 78 -14.20 -19.59 -16.33
C ILE B 78 -15.14 -20.11 -17.42
N LEU B 79 -14.93 -19.63 -18.65
CA LEU B 79 -15.82 -20.01 -19.75
C LEU B 79 -15.86 -21.54 -19.92
N GLN B 80 -14.73 -22.20 -19.71
CA GLN B 80 -14.68 -23.62 -19.93
C GLN B 80 -15.56 -24.37 -18.91
N GLN B 81 -15.77 -23.80 -17.72
CA GLN B 81 -16.54 -24.45 -16.67
C GLN B 81 -18.02 -24.08 -16.70
N ILE B 82 -18.41 -23.01 -17.38
CA ILE B 82 -19.80 -22.57 -17.36
C ILE B 82 -20.72 -23.69 -17.90
N GLU B 83 -21.83 -23.91 -17.19
CA GLU B 83 -22.90 -24.83 -17.59
C GLU B 83 -23.90 -23.94 -18.30
N LEU B 84 -23.77 -23.82 -19.63
CA LEU B 84 -24.50 -22.81 -20.44
C LEU B 84 -26.02 -22.86 -20.28
N ASP B 85 -26.61 -24.06 -20.21
CA ASP B 85 -28.09 -24.21 -20.12
C ASP B 85 -28.59 -23.76 -18.74
N LEU B 86 -27.73 -23.80 -17.72
CA LEU B 86 -28.07 -23.32 -16.40
C LEU B 86 -28.06 -21.79 -16.43
N LYS B 87 -29.26 -21.20 -16.48
CA LYS B 87 -29.44 -19.75 -16.58
C LYS B 87 -29.31 -19.12 -15.19
N ALA B 88 -28.09 -19.14 -14.66
CA ALA B 88 -27.79 -18.66 -13.32
C ALA B 88 -26.33 -18.19 -13.25
N THR B 89 -26.03 -17.27 -12.34
CA THR B 89 -24.67 -16.76 -12.12
C THR B 89 -23.82 -17.90 -11.53
N GLN B 90 -22.71 -18.23 -12.18
CA GLN B 90 -21.90 -19.40 -11.79
C GLN B 90 -20.44 -19.04 -11.50
N ALA B 91 -20.04 -17.80 -11.82
CA ALA B 91 -18.69 -17.28 -11.63
C ALA B 91 -18.78 -15.80 -11.23
N LEU B 92 -17.92 -15.41 -10.26
CA LEU B 92 -17.88 -14.07 -9.74
C LEU B 92 -16.43 -13.59 -9.71
N VAL B 93 -16.14 -12.54 -10.50
CA VAL B 93 -14.84 -11.94 -10.60
C VAL B 93 -14.88 -10.57 -9.93
N LEU B 94 -13.90 -10.34 -9.05
CA LEU B 94 -13.71 -9.05 -8.38
C LEU B 94 -12.45 -8.38 -8.94
N ALA B 95 -12.60 -7.12 -9.33
CA ALA B 95 -11.53 -6.27 -9.79
C ALA B 95 -11.54 -4.99 -8.94
N PRO B 96 -10.41 -4.26 -8.83
CA PRO B 96 -10.36 -3.07 -7.99
C PRO B 96 -10.95 -1.75 -8.53
N THR B 97 -11.45 -1.71 -9.77
CA THR B 97 -12.04 -0.49 -10.33
C THR B 97 -13.10 -0.79 -11.38
N ARG B 98 -13.93 0.23 -11.63
CA ARG B 98 -14.98 0.19 -12.64
C ARG B 98 -14.35 -0.12 -14.01
N GLU B 99 -13.21 0.54 -14.27
CA GLU B 99 -12.49 0.50 -15.52
C GLU B 99 -12.00 -0.93 -15.82
N LEU B 100 -11.32 -1.53 -14.84
CA LEU B 100 -10.79 -2.85 -15.04
C LEU B 100 -11.95 -3.82 -15.26
N ALA B 101 -12.94 -3.75 -14.38
CA ALA B 101 -14.11 -4.60 -14.44
C ALA B 101 -14.73 -4.62 -15.84
N GLN B 102 -14.81 -3.44 -16.43
CA GLN B 102 -15.47 -3.31 -17.72
C GLN B 102 -14.58 -3.94 -18.80
N GLN B 103 -13.26 -3.84 -18.66
CA GLN B 103 -12.32 -4.42 -19.66
C GLN B 103 -12.45 -5.95 -19.62
N ILE B 104 -12.63 -6.50 -18.42
CA ILE B 104 -12.78 -7.92 -18.21
C ILE B 104 -14.05 -8.39 -18.92
N GLN B 105 -15.14 -7.64 -18.78
CA GLN B 105 -16.43 -7.99 -19.39
C GLN B 105 -16.23 -8.12 -20.91
N LYS B 106 -15.54 -7.13 -21.50
CA LYS B 106 -15.22 -7.04 -22.96
C LYS B 106 -14.52 -8.34 -23.40
N VAL B 107 -13.45 -8.68 -22.67
CA VAL B 107 -12.62 -9.85 -22.96
C VAL B 107 -13.48 -11.12 -22.82
N VAL B 108 -14.19 -11.24 -21.71
CA VAL B 108 -15.01 -12.39 -21.46
C VAL B 108 -16.06 -12.57 -22.56
N MET B 109 -16.71 -11.47 -22.97
CA MET B 109 -17.80 -11.56 -23.98
C MET B 109 -17.23 -11.96 -25.34
N ALA B 110 -16.06 -11.42 -25.69
CA ALA B 110 -15.45 -11.71 -26.96
C ALA B 110 -15.16 -13.21 -27.07
N LEU B 111 -14.47 -13.77 -26.07
CA LEU B 111 -14.10 -15.18 -26.10
C LEU B 111 -15.37 -16.02 -26.06
N GLY B 112 -16.31 -15.67 -25.19
CA GLY B 112 -17.54 -16.45 -25.00
C GLY B 112 -18.62 -16.17 -26.04
N ASP B 113 -18.26 -15.32 -27.03
CA ASP B 113 -19.13 -14.83 -28.11
C ASP B 113 -19.81 -16.00 -28.82
N TYR B 114 -19.02 -17.01 -29.22
CA TYR B 114 -19.51 -18.16 -30.00
C TYR B 114 -20.14 -19.24 -29.11
N MET B 115 -20.11 -19.04 -27.78
CA MET B 115 -20.56 -20.06 -26.85
C MET B 115 -21.99 -19.80 -26.36
N GLY B 116 -22.39 -18.52 -26.34
CA GLY B 116 -23.64 -18.06 -25.77
C GLY B 116 -23.51 -17.93 -24.26
N ALA B 117 -22.45 -17.26 -23.82
CA ALA B 117 -22.13 -17.05 -22.41
C ALA B 117 -22.44 -15.60 -22.04
N SER B 118 -23.18 -15.39 -20.96
CA SER B 118 -23.49 -14.03 -20.57
C SER B 118 -22.54 -13.57 -19.46
N CYS B 119 -22.22 -12.28 -19.46
CA CYS B 119 -21.35 -11.69 -18.49
C CYS B 119 -21.80 -10.26 -18.28
N HIS B 120 -22.00 -9.87 -17.03
CA HIS B 120 -22.42 -8.56 -16.70
C HIS B 120 -21.37 -7.88 -15.80
N ALA B 121 -21.34 -6.55 -15.87
CA ALA B 121 -20.41 -5.81 -15.10
C ALA B 121 -21.12 -4.97 -14.02
N CYS B 122 -21.02 -5.37 -12.74
CA CYS B 122 -21.43 -4.51 -11.62
C CYS B 122 -20.53 -3.26 -11.52
N ILE B 123 -21.00 -2.18 -12.12
CA ILE B 123 -20.34 -0.90 -12.14
C ILE B 123 -21.10 0.09 -11.27
N GLY B 124 -22.39 0.20 -11.60
CA GLY B 124 -23.27 1.20 -11.07
C GLY B 124 -23.24 2.40 -11.99
N GLY B 125 -22.35 3.35 -11.68
CA GLY B 125 -22.25 4.57 -12.42
C GLY B 125 -23.57 5.32 -12.38
N THR B 126 -24.11 5.59 -13.57
CA THR B 126 -25.33 6.36 -13.72
C THR B 126 -26.53 5.41 -13.99
N ASN B 127 -26.57 4.26 -13.32
CA ASN B 127 -27.59 3.21 -13.60
C ASN B 127 -27.93 2.30 -12.39
N VAL B 128 -27.57 2.67 -11.16
CA VAL B 128 -27.75 1.76 -9.97
C VAL B 128 -29.23 1.38 -9.81
N ARG B 129 -30.13 2.07 -10.53
CA ARG B 129 -31.54 1.72 -10.53
C ARG B 129 -31.90 1.00 -11.85
N ALA B 130 -31.22 1.37 -12.95
CA ALA B 130 -31.46 0.87 -14.33
C ALA B 130 -30.95 -0.56 -14.55
N GLU B 131 -29.69 -0.82 -14.18
CA GLU B 131 -29.03 -2.14 -14.37
C GLU B 131 -29.71 -3.22 -13.51
N VAL B 132 -30.31 -2.80 -12.40
CA VAL B 132 -31.04 -3.69 -11.52
C VAL B 132 -32.26 -4.28 -12.25
N GLN B 133 -32.75 -3.55 -13.26
CA GLN B 133 -33.91 -3.93 -14.05
C GLN B 133 -33.52 -5.06 -15.02
N LYS B 134 -32.22 -5.16 -15.33
CA LYS B 134 -31.71 -6.21 -16.19
C LYS B 134 -31.34 -7.45 -15.37
N LEU B 135 -30.85 -7.27 -14.13
CA LEU B 135 -30.46 -8.42 -13.28
C LEU B 135 -31.70 -9.17 -12.76
N GLN B 136 -32.83 -8.47 -12.62
CA GLN B 136 -34.12 -9.06 -12.22
C GLN B 136 -34.69 -9.90 -13.38
N MET B 137 -34.33 -9.56 -14.62
CA MET B 137 -34.78 -10.23 -15.88
C MET B 137 -33.96 -11.51 -16.16
N GLU B 138 -32.66 -11.49 -15.87
CA GLU B 138 -31.79 -12.63 -16.18
C GLU B 138 -30.61 -12.64 -15.20
N ALA B 139 -30.19 -13.84 -14.80
CA ALA B 139 -29.01 -14.04 -13.97
C ALA B 139 -27.84 -14.34 -14.90
N PRO B 140 -26.89 -13.41 -15.05
CA PRO B 140 -25.80 -13.65 -15.99
C PRO B 140 -24.95 -14.84 -15.50
N HIS B 141 -24.30 -15.53 -16.45
CA HIS B 141 -23.43 -16.65 -16.14
C HIS B 141 -22.22 -16.19 -15.32
N ILE B 142 -21.66 -15.04 -15.71
CA ILE B 142 -20.48 -14.48 -15.10
C ILE B 142 -20.76 -13.02 -14.73
N ILE B 143 -20.39 -12.67 -13.50
CA ILE B 143 -20.51 -11.33 -12.96
C ILE B 143 -19.11 -10.88 -12.60
N VAL B 144 -18.78 -9.66 -13.04
CA VAL B 144 -17.51 -9.01 -12.69
C VAL B 144 -17.86 -7.61 -12.22
N GLY B 145 -17.33 -7.25 -11.06
CA GLY B 145 -17.51 -5.95 -10.50
C GLY B 145 -16.52 -5.66 -9.40
N THR B 146 -16.65 -4.48 -8.78
CA THR B 146 -15.86 -4.10 -7.65
C THR B 146 -16.48 -4.68 -6.40
N PRO B 147 -15.67 -4.91 -5.35
CA PRO B 147 -16.16 -5.53 -4.11
C PRO B 147 -17.30 -4.80 -3.44
N GLY B 148 -17.25 -3.46 -3.35
CA GLY B 148 -18.34 -2.72 -2.73
C GLY B 148 -19.68 -2.97 -3.42
N ARG B 149 -19.68 -2.82 -4.74
CA ARG B 149 -20.83 -2.86 -5.60
C ARG B 149 -21.47 -4.27 -5.66
N VAL B 150 -20.62 -5.31 -5.63
CA VAL B 150 -21.00 -6.71 -5.70
C VAL B 150 -21.67 -7.08 -4.38
N PHE B 151 -21.01 -6.70 -3.27
CA PHE B 151 -21.49 -6.98 -1.93
C PHE B 151 -22.84 -6.31 -1.72
N ASP B 152 -23.01 -5.15 -2.33
CA ASP B 152 -24.24 -4.44 -2.27
C ASP B 152 -25.28 -5.32 -2.95
N MET B 153 -25.05 -5.69 -4.20
CA MET B 153 -26.00 -6.53 -4.99
C MET B 153 -26.33 -7.88 -4.31
N LEU B 154 -25.42 -8.41 -3.48
CA LEU B 154 -25.69 -9.68 -2.79
C LEU B 154 -26.59 -9.42 -1.59
N ASN B 155 -26.31 -8.34 -0.84
CA ASN B 155 -27.11 -7.98 0.31
C ASN B 155 -28.52 -7.58 -0.11
N ARG B 156 -28.65 -6.92 -1.26
CA ARG B 156 -29.92 -6.49 -1.72
C ARG B 156 -30.64 -7.58 -2.52
N ARG B 157 -30.06 -8.77 -2.66
CA ARG B 157 -30.66 -9.92 -3.34
C ARG B 157 -30.93 -9.67 -4.83
N TYR B 158 -30.07 -8.96 -5.56
CA TYR B 158 -30.22 -8.85 -7.03
C TYR B 158 -29.25 -9.83 -7.74
N LEU B 159 -28.28 -10.36 -6.97
CA LEU B 159 -27.40 -11.42 -7.32
C LEU B 159 -27.61 -12.54 -6.31
N SER B 160 -27.35 -13.78 -6.75
CA SER B 160 -27.52 -14.93 -5.94
C SER B 160 -26.23 -15.72 -5.86
N PRO B 161 -25.80 -16.07 -4.64
CA PRO B 161 -24.63 -16.93 -4.45
C PRO B 161 -24.84 -18.44 -4.64
N LYS B 162 -26.07 -18.84 -4.97
CA LYS B 162 -26.54 -20.22 -4.92
C LYS B 162 -25.78 -21.14 -5.86
N TYR B 163 -25.47 -20.67 -7.07
CA TYR B 163 -24.80 -21.52 -8.04
C TYR B 163 -23.38 -21.03 -8.34
N ILE B 164 -22.76 -20.27 -7.44
CA ILE B 164 -21.42 -19.75 -7.67
C ILE B 164 -20.41 -20.78 -7.16
N LYS B 165 -19.61 -21.29 -8.12
CA LYS B 165 -18.64 -22.32 -7.87
C LYS B 165 -17.22 -21.89 -8.21
N MET B 166 -17.05 -20.65 -8.68
CA MET B 166 -15.80 -20.13 -9.19
C MET B 166 -15.70 -18.68 -8.69
N PHE B 167 -14.68 -18.38 -7.90
CA PHE B 167 -14.51 -17.03 -7.33
C PHE B 167 -13.10 -16.50 -7.63
N VAL B 168 -13.01 -15.43 -8.44
CA VAL B 168 -11.74 -14.85 -8.91
C VAL B 168 -11.48 -13.46 -8.29
N LEU B 169 -10.33 -13.33 -7.62
CA LEU B 169 -9.86 -12.06 -7.08
C LEU B 169 -8.76 -11.55 -8.00
N ASP B 170 -9.06 -10.51 -8.79
CA ASP B 170 -8.07 -9.95 -9.73
C ASP B 170 -7.42 -8.70 -9.13
N GLU B 171 -6.08 -8.63 -9.21
CA GLU B 171 -5.26 -7.57 -8.63
C GLU B 171 -5.60 -7.47 -7.16
N ALA B 172 -5.40 -8.57 -6.43
CA ALA B 172 -5.75 -8.62 -5.03
C ALA B 172 -4.95 -7.60 -4.23
N ASP B 173 -3.65 -7.45 -4.53
CA ASP B 173 -2.80 -6.53 -3.77
C ASP B 173 -3.45 -5.15 -3.82
N GLU B 174 -3.84 -4.71 -5.02
CA GLU B 174 -4.54 -3.44 -5.24
C GLU B 174 -5.78 -3.36 -4.36
N MET B 175 -6.75 -4.25 -4.60
CA MET B 175 -8.00 -4.29 -3.88
C MET B 175 -7.80 -4.20 -2.36
N LEU B 176 -6.77 -4.84 -1.82
CA LEU B 176 -6.51 -4.74 -0.37
C LEU B 176 -5.86 -3.39 -0.01
N SER B 177 -5.22 -2.73 -0.97
CA SER B 177 -4.76 -1.39 -0.75
C SER B 177 -5.93 -0.39 -0.82
N ARG B 178 -6.99 -0.72 -1.56
CA ARG B 178 -8.06 0.22 -1.71
C ARG B 178 -9.18 -0.02 -0.68
N GLY B 179 -8.94 -0.88 0.33
CA GLY B 179 -9.81 -1.07 1.51
C GLY B 179 -10.96 -2.05 1.35
N PHE B 180 -10.85 -2.96 0.37
CA PHE B 180 -11.92 -3.90 0.12
C PHE B 180 -11.74 -5.21 0.87
N LYS B 181 -10.73 -5.29 1.75
CA LYS B 181 -10.50 -6.52 2.50
C LYS B 181 -11.78 -6.97 3.20
N ASP B 182 -12.45 -6.06 3.89
CA ASP B 182 -13.70 -6.33 4.64
C ASP B 182 -14.81 -6.83 3.70
N GLN B 183 -14.99 -6.13 2.59
CA GLN B 183 -16.00 -6.46 1.62
C GLN B 183 -15.68 -7.80 0.97
N ILE B 184 -14.39 -8.10 0.75
CA ILE B 184 -14.01 -9.36 0.16
C ILE B 184 -14.28 -10.50 1.15
N TYR B 185 -13.86 -10.33 2.41
CA TYR B 185 -14.11 -11.30 3.44
C TYR B 185 -15.61 -11.57 3.59
N ASP B 186 -16.42 -10.51 3.54
CA ASP B 186 -17.85 -10.60 3.70
C ASP B 186 -18.49 -11.33 2.51
N ILE B 187 -18.03 -11.09 1.29
CA ILE B 187 -18.61 -11.75 0.11
C ILE B 187 -18.33 -13.23 0.17
N PHE B 188 -17.13 -13.59 0.63
CA PHE B 188 -16.71 -14.99 0.64
C PHE B 188 -17.55 -15.78 1.64
N GLN B 189 -17.97 -15.12 2.72
CA GLN B 189 -18.76 -15.75 3.76
C GLN B 189 -20.16 -16.11 3.24
N LYS B 190 -20.59 -15.49 2.14
CA LYS B 190 -21.86 -15.81 1.52
C LYS B 190 -21.74 -16.90 0.44
N LEU B 191 -20.54 -17.29 0.02
CA LEU B 191 -20.43 -18.26 -1.08
C LEU B 191 -20.49 -19.65 -0.50
N ASN B 192 -20.76 -20.63 -1.35
CA ASN B 192 -20.77 -22.00 -0.91
C ASN B 192 -19.39 -22.38 -0.35
N SER B 193 -19.33 -23.46 0.43
CA SER B 193 -18.10 -23.99 1.08
C SER B 193 -17.07 -24.50 0.04
N ASN B 194 -17.55 -25.15 -1.01
CA ASN B 194 -16.65 -25.81 -1.93
C ASN B 194 -16.17 -24.88 -3.05
N THR B 195 -16.23 -23.56 -2.83
CA THR B 195 -16.06 -22.60 -3.92
C THR B 195 -14.61 -22.49 -4.36
N GLN B 196 -14.38 -22.65 -5.67
CA GLN B 196 -13.04 -22.56 -6.26
C GLN B 196 -12.58 -21.10 -6.14
N VAL B 197 -11.37 -20.90 -5.61
CA VAL B 197 -10.79 -19.58 -5.53
C VAL B 197 -9.54 -19.47 -6.43
N VAL B 198 -9.59 -18.49 -7.34
CA VAL B 198 -8.46 -18.15 -8.14
C VAL B 198 -8.02 -16.76 -7.71
N LEU B 199 -6.73 -16.56 -7.45
CA LEU B 199 -6.24 -15.27 -7.00
C LEU B 199 -5.02 -14.85 -7.83
N LEU B 200 -5.15 -13.71 -8.51
CA LEU B 200 -4.13 -13.13 -9.30
C LEU B 200 -3.69 -11.82 -8.65
N SER B 201 -2.38 -11.68 -8.43
CA SER B 201 -1.82 -10.45 -7.85
C SER B 201 -0.33 -10.31 -8.25
N ALA B 202 0.10 -9.08 -8.57
CA ALA B 202 1.47 -8.85 -8.98
C ALA B 202 2.40 -8.92 -7.76
N THR B 203 1.95 -8.38 -6.62
CA THR B 203 2.76 -8.50 -5.40
C THR B 203 2.08 -9.52 -4.51
N MET B 204 2.79 -9.94 -3.45
CA MET B 204 2.37 -11.01 -2.57
C MET B 204 2.71 -10.71 -1.11
N PRO B 205 2.30 -9.52 -0.63
CA PRO B 205 2.48 -9.15 0.77
C PRO B 205 1.60 -9.96 1.74
N SER B 206 1.97 -9.86 3.01
CA SER B 206 1.45 -10.56 4.13
C SER B 206 -0.07 -10.68 4.04
N ASP B 207 -0.81 -9.57 3.90
CA ASP B 207 -2.29 -9.72 3.93
C ASP B 207 -2.85 -10.47 2.72
N VAL B 208 -2.20 -10.42 1.55
CA VAL B 208 -2.64 -11.24 0.41
C VAL B 208 -2.36 -12.71 0.75
N LEU B 209 -1.20 -13.03 1.29
CA LEU B 209 -0.88 -14.43 1.65
C LEU B 209 -1.94 -14.94 2.62
N GLU B 210 -2.24 -14.11 3.61
CA GLU B 210 -3.26 -14.37 4.64
C GLU B 210 -4.62 -14.73 4.00
N VAL B 211 -4.98 -14.06 2.90
CA VAL B 211 -6.26 -14.31 2.19
C VAL B 211 -6.24 -15.72 1.62
N THR B 212 -5.15 -16.09 0.94
CA THR B 212 -5.02 -17.40 0.32
C THR B 212 -5.12 -18.47 1.39
N LYS B 213 -4.61 -18.19 2.59
CA LYS B 213 -4.58 -19.16 3.68
C LYS B 213 -5.99 -19.40 4.24
N LYS B 214 -6.85 -18.39 4.18
CA LYS B 214 -8.22 -18.48 4.66
C LYS B 214 -9.18 -19.02 3.58
N PHE B 215 -8.96 -18.71 2.31
CA PHE B 215 -9.96 -19.04 1.27
C PHE B 215 -9.61 -20.29 0.46
N MET B 216 -8.37 -20.76 0.52
CA MET B 216 -7.93 -21.84 -0.36
C MET B 216 -7.43 -23.04 0.45
N ARG B 217 -7.38 -24.20 -0.21
CA ARG B 217 -6.82 -25.41 0.36
C ARG B 217 -5.88 -26.06 -0.66
N ASP B 218 -4.63 -26.29 -0.22
CA ASP B 218 -3.53 -26.92 -0.99
C ASP B 218 -3.54 -26.34 -2.39
N PRO B 219 -3.49 -25.00 -2.52
CA PRO B 219 -3.57 -24.37 -3.83
C PRO B 219 -2.28 -24.54 -4.64
N ILE B 220 -2.41 -24.26 -5.93
CA ILE B 220 -1.34 -24.29 -6.86
C ILE B 220 -0.72 -22.90 -6.88
N ARG B 221 0.57 -22.79 -6.55
CA ARG B 221 1.26 -21.51 -6.61
C ARG B 221 2.06 -21.40 -7.90
N ILE B 222 1.90 -20.26 -8.59
CA ILE B 222 2.68 -19.84 -9.72
C ILE B 222 3.17 -18.44 -9.37
N LEU B 223 4.42 -18.36 -8.91
CA LEU B 223 5.08 -17.15 -8.42
C LEU B 223 6.21 -16.70 -9.36
N VAL B 224 6.51 -15.40 -9.25
CA VAL B 224 7.59 -14.79 -9.99
C VAL B 224 8.43 -13.96 -9.01
N LYS B 225 9.25 -14.69 -8.23
CA LYS B 225 10.20 -14.16 -7.26
C LYS B 225 11.18 -13.21 -7.97
N LYS B 226 11.25 -11.98 -7.46
CA LYS B 226 12.05 -10.86 -7.97
C LYS B 226 12.22 -9.83 -6.84
N GLU B 227 13.33 -9.07 -6.83
CA GLU B 227 13.59 -8.07 -5.73
C GLU B 227 12.39 -7.08 -5.59
N GLU B 228 11.78 -7.02 -4.39
CA GLU B 228 10.59 -6.15 -4.12
C GLU B 228 11.02 -4.70 -3.77
N LEU B 229 12.32 -4.46 -3.61
CA LEU B 229 12.90 -3.12 -3.42
C LEU B 229 13.72 -2.77 -4.66
N THR B 230 13.70 -1.50 -5.08
CA THR B 230 14.44 -1.11 -6.24
C THR B 230 15.14 0.22 -6.01
N LEU B 231 16.06 0.55 -6.92
CA LEU B 231 16.77 1.77 -6.90
C LEU B 231 16.25 2.71 -7.99
N GLU B 232 15.26 2.30 -8.77
CA GLU B 232 14.65 3.17 -9.78
C GLU B 232 14.34 4.51 -9.10
N GLY B 233 14.83 5.60 -9.70
CA GLY B 233 14.56 6.93 -9.22
C GLY B 233 15.56 7.44 -8.18
N ILE B 234 16.31 6.56 -7.52
CA ILE B 234 17.24 7.03 -6.52
C ILE B 234 18.48 7.55 -7.24
N ARG B 235 18.86 8.81 -7.01
CA ARG B 235 20.12 9.30 -7.54
C ARG B 235 21.23 8.93 -6.57
N GLN B 236 22.16 8.08 -7.03
CA GLN B 236 23.25 7.54 -6.23
C GLN B 236 24.55 8.24 -6.61
N PHE B 237 25.30 8.67 -5.59
CA PHE B 237 26.56 9.40 -5.72
C PHE B 237 27.63 8.72 -4.85
N TYR B 238 28.90 9.04 -5.14
CA TYR B 238 30.02 8.56 -4.31
C TYR B 238 31.03 9.69 -4.17
N ILE B 239 31.78 9.66 -3.06
CA ILE B 239 32.84 10.60 -2.80
C ILE B 239 34.12 9.83 -2.51
N ASN B 240 35.24 10.29 -3.11
CA ASN B 240 36.55 9.72 -2.85
C ASN B 240 37.00 10.39 -1.57
N VAL B 241 37.17 9.59 -0.52
CA VAL B 241 37.53 10.05 0.75
C VAL B 241 38.99 9.68 1.04
N GLU B 242 39.63 8.93 0.13
CA GLU B 242 40.97 8.43 0.28
C GLU B 242 41.02 7.48 1.48
N ARG B 243 41.10 8.03 2.69
CA ARG B 243 41.30 7.28 3.93
C ARG B 243 40.07 7.43 4.83
N GLU B 244 39.91 6.51 5.79
CA GLU B 244 38.78 6.49 6.74
C GLU B 244 38.74 7.73 7.63
N GLU B 245 39.90 8.06 8.21
CA GLU B 245 40.01 9.14 9.18
C GLU B 245 39.41 10.45 8.67
N TRP B 246 39.39 10.65 7.34
CA TRP B 246 38.90 11.90 6.77
C TRP B 246 37.41 11.88 6.35
N LYS B 247 36.64 10.93 6.89
CA LYS B 247 35.21 10.78 6.57
C LYS B 247 34.37 11.84 7.34
N LEU B 248 34.63 11.95 8.63
CA LEU B 248 33.92 12.89 9.50
C LEU B 248 34.05 14.32 8.98
N ASP B 249 35.25 14.73 8.58
CA ASP B 249 35.44 16.06 8.03
C ASP B 249 34.69 16.20 6.69
N THR B 250 34.49 15.12 5.94
CA THR B 250 33.80 15.21 4.66
C THR B 250 32.29 15.40 4.87
N LEU B 251 31.77 14.71 5.88
CA LEU B 251 30.38 14.71 6.26
C LEU B 251 29.95 16.10 6.70
N CYS B 252 30.79 16.75 7.51
CA CYS B 252 30.49 18.09 8.02
C CYS B 252 30.52 19.12 6.89
N ASP B 253 31.36 18.88 5.88
CA ASP B 253 31.47 19.76 4.75
C ASP B 253 30.25 19.55 3.81
N LEU B 254 29.56 18.42 3.90
CA LEU B 254 28.38 18.22 3.08
C LEU B 254 27.28 19.11 3.62
N TYR B 255 27.22 19.21 4.95
CA TYR B 255 26.24 20.04 5.63
C TYR B 255 26.43 21.51 5.25
N GLU B 256 27.67 21.95 5.08
CA GLU B 256 27.90 23.31 4.67
C GLU B 256 27.47 23.52 3.21
N THR B 257 27.68 22.51 2.34
CA THR B 257 27.42 22.62 0.88
C THR B 257 25.96 22.42 0.48
N LEU B 258 25.29 21.41 1.09
CA LEU B 258 23.94 20.96 0.74
C LEU B 258 22.88 21.48 1.71
N THR B 259 21.64 21.57 1.26
CA THR B 259 20.52 21.89 2.16
C THR B 259 19.96 20.55 2.66
N ILE B 260 19.99 20.34 3.97
CA ILE B 260 19.61 19.04 4.54
C ILE B 260 18.62 19.19 5.70
N THR B 261 17.33 18.95 5.44
CA THR B 261 16.33 18.87 6.48
C THR B 261 16.74 17.72 7.42
N GLN B 262 16.51 16.46 7.01
CA GLN B 262 16.87 15.27 7.81
C GLN B 262 17.72 14.31 6.97
N ALA B 263 18.49 13.45 7.63
CA ALA B 263 19.38 12.49 6.96
C ALA B 263 19.53 11.21 7.78
N VAL B 264 19.92 10.13 7.08
CA VAL B 264 20.15 8.84 7.68
C VAL B 264 21.57 8.44 7.29
N ILE B 265 22.32 7.93 8.26
CA ILE B 265 23.69 7.57 8.04
C ILE B 265 23.89 6.13 8.51
N PHE B 266 24.31 5.28 7.57
CA PHE B 266 24.52 3.84 7.82
C PHE B 266 26.00 3.58 8.13
N ILE B 267 26.19 2.69 9.11
CA ILE B 267 27.47 2.30 9.69
C ILE B 267 27.49 0.78 9.81
N ASN B 268 28.68 0.19 9.69
CA ASN B 268 28.77 -1.25 9.62
C ASN B 268 28.82 -1.88 11.01
N THR B 269 29.50 -1.26 11.99
CA THR B 269 29.65 -1.86 13.34
C THR B 269 28.99 -0.94 14.38
N ARG B 270 28.68 -1.49 15.56
CA ARG B 270 28.08 -0.70 16.64
C ARG B 270 29.13 0.21 17.28
N ARG B 271 30.37 -0.29 17.39
CA ARG B 271 31.42 0.45 18.09
C ARG B 271 31.62 1.80 17.40
N LYS B 272 31.44 1.85 16.07
CA LYS B 272 31.58 3.10 15.30
C LYS B 272 30.31 3.96 15.40
N VAL B 273 29.14 3.35 15.58
CA VAL B 273 27.91 4.13 15.71
C VAL B 273 28.03 4.99 16.97
N ASP B 274 28.54 4.39 18.05
CA ASP B 274 28.71 5.08 19.32
C ASP B 274 29.84 6.10 19.21
N TRP B 275 30.92 5.76 18.50
CA TRP B 275 32.03 6.71 18.32
C TRP B 275 31.54 7.94 17.56
N LEU B 276 30.82 7.74 16.47
CA LEU B 276 30.39 8.82 15.59
C LEU B 276 29.26 9.63 16.22
N THR B 277 28.45 8.98 17.07
CA THR B 277 27.31 9.64 17.68
C THR B 277 27.81 10.78 18.58
N GLU B 278 28.81 10.48 19.41
CA GLU B 278 29.31 11.45 20.37
C GLU B 278 30.12 12.52 19.63
N LYS B 279 30.89 12.14 18.60
CA LYS B 279 31.67 13.14 17.86
C LYS B 279 30.75 14.16 17.18
N MET B 280 29.57 13.73 16.75
CA MET B 280 28.69 14.67 16.08
C MET B 280 27.93 15.48 17.13
N HIS B 281 27.80 14.94 18.36
CA HIS B 281 27.24 15.71 19.48
C HIS B 281 28.19 16.89 19.75
N ALA B 282 29.48 16.57 19.85
CA ALA B 282 30.55 17.50 20.11
C ALA B 282 30.64 18.58 19.02
N ARG B 283 30.16 18.29 17.80
CA ARG B 283 30.22 19.24 16.71
C ARG B 283 28.85 19.91 16.53
N ASP B 284 27.97 19.75 17.52
CA ASP B 284 26.72 20.50 17.64
C ASP B 284 25.69 20.04 16.60
N PHE B 285 25.22 18.80 16.77
CA PHE B 285 24.30 18.12 15.86
C PHE B 285 23.22 17.37 16.64
N THR B 286 21.96 17.54 16.24
CA THR B 286 20.82 16.81 16.83
C THR B 286 20.82 15.42 16.21
N VAL B 287 21.30 14.45 16.98
CA VAL B 287 21.55 13.14 16.50
C VAL B 287 20.88 12.07 17.37
N SER B 288 20.30 11.07 16.71
CA SER B 288 19.73 9.90 17.35
C SER B 288 20.51 8.69 16.83
N ALA B 289 20.94 7.81 17.74
CA ALA B 289 21.73 6.63 17.42
C ALA B 289 20.90 5.38 17.61
N MET B 290 21.15 4.37 16.77
CA MET B 290 20.41 3.10 16.80
C MET B 290 21.32 1.95 16.33
N HIS B 291 21.28 0.81 17.04
CA HIS B 291 22.07 -0.40 16.67
C HIS B 291 21.25 -1.69 16.95
N GLY B 292 21.93 -2.85 16.84
CA GLY B 292 21.31 -4.17 16.96
C GLY B 292 21.14 -4.63 18.41
N ASP B 293 22.07 -4.24 19.28
CA ASP B 293 22.04 -4.64 20.69
C ASP B 293 20.84 -4.04 21.44
N MET B 294 20.12 -3.09 20.84
CA MET B 294 18.97 -2.46 21.52
C MET B 294 17.74 -3.36 21.45
N ASP B 295 16.83 -3.16 22.41
CA ASP B 295 15.50 -3.80 22.51
C ASP B 295 14.57 -3.18 21.47
N GLN B 296 13.34 -3.69 21.38
CA GLN B 296 12.36 -3.16 20.44
C GLN B 296 11.74 -1.87 20.98
N LYS B 297 11.62 -1.78 22.32
CA LYS B 297 10.97 -0.65 22.95
C LYS B 297 11.95 0.53 23.02
N GLU B 298 13.26 0.26 23.00
CA GLU B 298 14.27 1.32 23.02
C GLU B 298 14.27 2.06 21.68
N ARG B 299 14.32 1.26 20.60
CA ARG B 299 14.39 1.77 19.24
C ARG B 299 13.10 2.53 18.94
N ASP B 300 11.96 2.09 19.49
CA ASP B 300 10.68 2.77 19.33
C ASP B 300 10.82 4.24 19.75
N VAL B 301 11.61 4.45 20.82
CA VAL B 301 11.82 5.76 21.43
C VAL B 301 12.71 6.64 20.54
N ILE B 302 13.86 6.09 20.09
CA ILE B 302 14.85 6.90 19.34
C ILE B 302 14.32 7.15 17.93
N MET B 303 13.33 6.38 17.48
CA MET B 303 12.71 6.62 16.18
C MET B 303 11.67 7.74 16.25
N ARG B 304 10.94 7.85 17.37
CA ARG B 304 9.92 8.91 17.51
C ARG B 304 10.63 10.26 17.55
N GLU B 305 11.78 10.30 18.24
CA GLU B 305 12.61 11.50 18.31
C GLU B 305 12.88 11.98 16.89
N PHE B 306 13.34 11.04 16.04
CA PHE B 306 13.72 11.35 14.68
C PHE B 306 12.50 11.72 13.82
N ARG B 307 11.38 11.02 13.96
CA ARG B 307 10.17 11.30 13.17
C ARG B 307 9.56 12.66 13.55
N SER B 308 9.87 13.17 14.74
CA SER B 308 9.30 14.43 15.24
C SER B 308 10.15 15.65 14.85
N GLY B 309 11.46 15.48 14.73
CA GLY B 309 12.36 16.59 14.40
C GLY B 309 13.38 16.86 15.49
N SER B 310 13.23 16.22 16.65
CA SER B 310 14.18 16.33 17.76
C SER B 310 15.60 15.97 17.31
N SER B 311 15.71 15.14 16.27
CA SER B 311 16.97 14.79 15.61
C SER B 311 16.84 15.07 14.12
N ARG B 312 17.78 15.84 13.57
CA ARG B 312 17.83 16.07 12.13
C ARG B 312 18.69 14.96 11.46
N VAL B 313 19.24 14.04 12.26
CA VAL B 313 20.15 13.01 11.80
C VAL B 313 19.97 11.68 12.58
N LEU B 314 19.79 10.59 11.83
CA LEU B 314 19.71 9.21 12.38
C LEU B 314 20.91 8.41 11.88
N ILE B 315 21.77 7.95 12.80
CA ILE B 315 22.90 7.10 12.43
C ILE B 315 22.56 5.73 12.99
N THR B 316 22.64 4.71 12.12
CA THR B 316 22.23 3.35 12.45
C THR B 316 23.04 2.32 11.65
N THR B 317 22.75 1.05 11.94
CA THR B 317 23.37 -0.10 11.32
C THR B 317 22.35 -0.84 10.45
N ASP B 318 22.86 -1.53 9.42
CA ASP B 318 22.08 -2.43 8.56
C ASP B 318 21.27 -3.33 9.47
N LEU B 319 19.96 -3.42 9.27
CA LEU B 319 19.24 -4.30 10.15
C LEU B 319 18.90 -5.60 9.38
N LEU B 320 18.41 -5.50 8.13
CA LEU B 320 18.12 -6.63 7.14
C LEU B 320 16.80 -7.37 7.46
N ALA B 321 16.62 -7.75 8.74
CA ALA B 321 15.37 -8.33 9.22
C ALA B 321 14.34 -7.20 9.44
N ARG B 322 14.76 -6.12 10.11
CA ARG B 322 13.89 -4.96 10.47
C ARG B 322 14.18 -3.78 9.53
N GLY B 323 13.15 -3.31 8.82
CA GLY B 323 13.26 -2.12 7.98
C GLY B 323 13.13 -0.86 8.82
N ILE B 324 13.90 0.17 8.48
CA ILE B 324 13.92 1.44 9.20
C ILE B 324 12.55 2.13 9.02
N ASP B 325 12.02 2.74 10.08
CA ASP B 325 10.70 3.37 10.05
C ASP B 325 10.84 4.84 9.60
N VAL B 326 11.27 5.00 8.35
CA VAL B 326 11.63 6.31 7.79
C VAL B 326 10.74 6.61 6.59
N GLN B 327 10.09 7.76 6.57
CA GLN B 327 9.21 8.04 5.48
C GLN B 327 9.85 8.97 4.44
N GLN B 328 10.49 10.05 4.91
CA GLN B 328 11.09 11.07 4.05
C GLN B 328 12.41 11.56 4.66
N VAL B 329 13.40 11.83 3.79
CA VAL B 329 14.68 12.32 4.21
C VAL B 329 15.38 12.94 3.02
N SER B 330 16.05 14.05 3.31
CA SER B 330 16.74 14.82 2.32
C SER B 330 17.72 13.90 1.60
N LEU B 331 18.39 13.06 2.38
CA LEU B 331 19.29 12.08 1.82
C LEU B 331 19.68 10.99 2.86
N VAL B 332 20.42 10.01 2.33
CA VAL B 332 20.90 8.89 3.10
C VAL B 332 22.39 8.64 2.75
N ILE B 333 23.19 8.42 3.77
CA ILE B 333 24.62 8.34 3.59
C ILE B 333 25.15 6.97 3.99
N ASN B 334 25.91 6.36 3.07
CA ASN B 334 26.66 5.18 3.34
C ASN B 334 28.02 5.70 3.81
N TYR B 335 28.12 5.95 5.11
CA TYR B 335 29.37 6.34 5.73
C TYR B 335 30.30 5.12 5.71
N ASP B 336 29.69 3.93 5.81
CA ASP B 336 30.36 2.66 5.68
C ASP B 336 29.70 1.89 4.53
N LEU B 337 30.49 1.50 3.52
CA LEU B 337 29.92 0.81 2.37
C LEU B 337 29.32 -0.50 2.83
N PRO B 338 28.11 -0.87 2.34
CA PRO B 338 27.55 -2.18 2.65
C PRO B 338 28.44 -3.24 1.99
N THR B 339 28.39 -4.46 2.51
CA THR B 339 29.24 -5.57 2.08
C THR B 339 28.70 -6.27 0.82
N ASN B 340 27.42 -6.09 0.47
CA ASN B 340 26.92 -6.76 -0.73
C ASN B 340 25.66 -6.07 -1.25
N ARG B 341 25.28 -6.44 -2.47
CA ARG B 341 24.17 -5.87 -3.24
C ARG B 341 22.86 -5.91 -2.44
N GLU B 342 22.64 -6.95 -1.65
CA GLU B 342 21.36 -7.11 -0.95
C GLU B 342 21.28 -6.06 0.17
N ASN B 343 22.37 -5.93 0.91
CA ASN B 343 22.45 -4.97 2.01
C ASN B 343 22.39 -3.54 1.45
N TYR B 344 23.03 -3.30 0.31
CA TYR B 344 22.97 -2.02 -0.35
C TYR B 344 21.51 -1.69 -0.65
N ILE B 345 20.81 -2.62 -1.29
CA ILE B 345 19.43 -2.38 -1.68
C ILE B 345 18.53 -2.22 -0.44
N HIS B 346 18.86 -2.83 0.70
CA HIS B 346 18.01 -2.69 1.90
C HIS B 346 18.14 -1.25 2.45
N ARG B 347 19.36 -0.75 2.46
CA ARG B 347 19.62 0.53 2.98
C ARG B 347 18.98 1.65 2.15
N ILE B 348 19.07 1.59 0.81
CA ILE B 348 18.64 2.76 0.02
C ILE B 348 17.52 2.44 -0.97
N GLY B 349 17.15 1.18 -1.15
CA GLY B 349 16.08 0.84 -2.08
C GLY B 349 14.73 1.17 -1.50
N ARG B 350 13.82 1.62 -2.36
CA ARG B 350 12.43 1.93 -1.97
C ARG B 350 11.48 0.89 -2.56
N GLY B 351 10.34 0.67 -1.90
CA GLY B 351 9.26 -0.18 -2.41
C GLY B 351 8.17 0.67 -3.05
N GLY B 352 7.18 0.03 -3.67
CA GLY B 352 6.02 0.69 -4.27
C GLY B 352 6.32 1.32 -5.62
N ARG B 353 5.25 1.58 -6.39
CA ARG B 353 5.31 2.13 -7.76
C ARG B 353 5.50 3.64 -7.85
N PHE B 354 5.17 4.42 -6.81
CA PHE B 354 5.21 5.92 -6.89
C PHE B 354 6.20 6.50 -5.88
N GLY B 355 6.40 7.81 -5.98
CA GLY B 355 7.38 8.49 -5.17
C GLY B 355 8.77 7.94 -5.41
N ARG B 356 9.06 7.59 -6.67
CA ARG B 356 10.35 7.00 -7.01
C ARG B 356 11.39 8.13 -7.07
N LYS B 357 11.84 8.57 -5.88
CA LYS B 357 12.80 9.66 -5.79
C LYS B 357 13.57 9.60 -4.48
N GLY B 358 14.88 9.88 -4.55
CA GLY B 358 15.81 9.83 -3.39
C GLY B 358 17.23 10.26 -3.75
N VAL B 359 18.08 10.31 -2.73
CA VAL B 359 19.46 10.69 -2.88
C VAL B 359 20.27 9.87 -1.87
N ALA B 360 21.32 9.22 -2.36
CA ALA B 360 22.18 8.46 -1.51
C ALA B 360 23.62 8.86 -1.84
N ILE B 361 24.48 8.96 -0.83
CA ILE B 361 25.89 9.28 -1.05
C ILE B 361 26.76 8.22 -0.37
N ASN B 362 27.70 7.65 -1.13
CA ASN B 362 28.56 6.59 -0.64
C ASN B 362 29.98 7.14 -0.44
N MET B 363 30.59 6.79 0.69
CA MET B 363 31.93 7.22 0.99
C MET B 363 32.89 6.07 0.69
N VAL B 364 33.91 6.37 -0.13
CA VAL B 364 34.80 5.36 -0.65
C VAL B 364 36.26 5.63 -0.26
N THR B 365 36.80 4.79 0.65
CA THR B 365 38.22 4.83 1.01
C THR B 365 38.99 4.20 -0.14
N GLU B 366 40.32 4.21 -0.06
CA GLU B 366 41.13 3.59 -1.11
C GLU B 366 41.10 2.07 -0.91
N GLU B 367 41.11 1.63 0.35
CA GLU B 367 40.98 0.23 0.75
C GLU B 367 39.69 -0.34 0.13
N ASP B 368 38.63 0.47 0.14
CA ASP B 368 37.34 0.11 -0.41
C ASP B 368 37.50 -0.21 -1.89
N LYS B 369 38.15 0.66 -2.65
CA LYS B 369 38.33 0.42 -4.07
C LYS B 369 39.03 -0.92 -4.32
N ARG B 370 40.08 -1.22 -3.55
CA ARG B 370 40.85 -2.45 -3.76
C ARG B 370 39.93 -3.69 -3.67
N THR B 371 39.09 -3.73 -2.64
CA THR B 371 38.19 -4.85 -2.34
C THR B 371 36.96 -4.90 -3.26
N LEU B 372 36.80 -3.96 -4.20
CA LEU B 372 35.63 -4.05 -5.04
C LEU B 372 35.79 -3.33 -6.38
N ARG B 373 37.03 -3.29 -6.89
CA ARG B 373 37.42 -2.78 -8.22
C ARG B 373 36.54 -1.61 -8.73
N ASP B 374 35.25 -1.85 -8.92
CA ASP B 374 34.33 -0.87 -9.47
C ASP B 374 33.00 -0.92 -8.67
N ILE B 375 32.60 0.23 -8.11
CA ILE B 375 31.37 0.32 -7.29
C ILE B 375 30.12 -0.02 -8.11
N GLU B 376 30.07 0.47 -9.36
CA GLU B 376 28.90 0.27 -10.22
C GLU B 376 28.70 -1.23 -10.50
N THR B 377 29.81 -1.93 -10.71
CA THR B 377 29.83 -3.36 -11.03
C THR B 377 29.51 -4.20 -9.79
N PHE B 378 30.13 -3.79 -8.67
CA PHE B 378 30.03 -4.49 -7.42
C PHE B 378 28.59 -4.51 -6.91
N TYR B 379 27.90 -3.37 -6.99
CA TYR B 379 26.53 -3.31 -6.54
C TYR B 379 25.53 -3.43 -7.68
N ASN B 380 25.99 -3.29 -8.94
CA ASN B 380 25.17 -3.51 -10.21
C ASN B 380 24.11 -2.41 -10.37
N THR B 381 24.58 -1.16 -10.41
CA THR B 381 23.72 0.01 -10.44
C THR B 381 24.58 1.21 -10.84
N SER B 382 23.97 2.29 -11.28
CA SER B 382 24.67 3.54 -11.65
C SER B 382 25.00 4.31 -10.37
N ILE B 383 26.21 4.86 -10.31
CA ILE B 383 26.67 5.67 -9.21
C ILE B 383 27.68 6.64 -9.80
N GLU B 384 27.25 7.89 -9.99
CA GLU B 384 28.09 8.92 -10.53
C GLU B 384 28.97 9.47 -9.41
N GLU B 385 30.12 10.03 -9.78
CA GLU B 385 30.89 10.77 -8.84
C GLU B 385 30.07 12.01 -8.56
N MET B 386 30.14 12.47 -7.32
CA MET B 386 29.39 13.62 -6.91
C MET B 386 29.93 14.85 -7.62
N PRO B 387 29.06 15.68 -8.23
CA PRO B 387 29.49 16.92 -8.89
C PRO B 387 29.89 18.01 -7.87
N LEU B 388 30.07 19.25 -8.35
CA LEU B 388 30.32 20.45 -7.51
C LEU B 388 29.14 21.43 -7.67
N ASN B 389 27.94 20.86 -7.87
CA ASN B 389 26.65 21.57 -8.01
C ASN B 389 25.83 21.38 -6.72
N VAL B 390 24.53 21.13 -6.86
CA VAL B 390 23.58 21.02 -5.74
C VAL B 390 22.34 20.22 -6.19
N ALA B 391 22.03 19.14 -5.44
CA ALA B 391 20.91 18.24 -5.73
C ALA B 391 20.18 17.88 -4.43
N ASP B 392 19.70 18.91 -3.72
CA ASP B 392 18.96 18.74 -2.46
C ASP B 392 19.86 18.06 -1.42
#